data_1D5I
#
_entry.id   1D5I
#
_cell.length_a   53.170
_cell.length_b   64.130
_cell.length_c   75.950
_cell.angle_alpha   90.00
_cell.angle_beta   99.53
_cell.angle_gamma   90.00
#
_symmetry.space_group_name_H-M   'P 1 21 1'
#
loop_
_entity.id
_entity.type
_entity.pdbx_description
1 polymer 'CHIMERIC GERMLINE PRECURSOR OF OXY-COPE CATALYTIC ANTIBODY AZ-28 (LIGHT CHAIN)'
2 polymer 'CHIMERIC GERMLINE PRECURSOR OF OXY-COPE CATALYTIC ANTIBODY AZ-28 (HEAVY CHAIN)'
3 non-polymer 'CADMIUM ION'
4 water water
#
loop_
_entity_poly.entity_id
_entity_poly.type
_entity_poly.pdbx_seq_one_letter_code
_entity_poly.pdbx_strand_id
1 'polypeptide(L)'
;DIKMTQSPSSMYASLGERVTITCKASQDINSYLSWFQQKPGKSPKTLIYRANRLVDGVPSRFSGSGSGQDYSLTISSLEY
EDMGIYYCLQYDEFPYTFGSGTKLEIKRTVAAPSVFIFPPSDEQLKSGTASVVCLLNNFYPREAKVQWKVDNALQSGNSQ
ESVTEQDSKDSTYSLSSTLTLSKADYEKHKVYACEVTHQGLSSPVTKSFNR
;
L
2 'polypeptide(L)'
;QVQLQQSGAELMKPGASVKISCKATGYTFSSYWIEWVKQRPGHGLEWIGEILPGSGSTNYNEKFKGKATFTADTSSNTAY
MQLSSLTSEDSAVYYCARGHSYYFYDGDYWGQGTSVTVSSASTKGPSVFPLAPSSKSTSGGTAALGCLVKDYFPEPVTVS
WNSGALTSGVHTFPAVLQSSGLYSLSSVVTVPSSSLGTQTYICNVNHKPSNTKVDKKVEPK
;
H
#
loop_
_chem_comp.id
_chem_comp.type
_chem_comp.name
_chem_comp.formula
CD non-polymer 'CADMIUM ION' 'Cd 2'
#
# COMPACT_ATOMS: atom_id res chain seq x y z
N ASP A 1 22.13 17.64 -0.30
CA ASP A 1 22.04 16.15 -0.37
C ASP A 1 22.03 15.69 -1.83
N ILE A 2 22.55 14.51 -2.11
CA ILE A 2 22.54 14.06 -3.49
C ILE A 2 21.12 13.64 -3.97
N LYS A 3 20.69 14.12 -5.12
CA LYS A 3 19.39 13.70 -5.57
C LYS A 3 19.55 12.50 -6.50
N MET A 4 18.78 11.43 -6.25
CA MET A 4 18.83 10.22 -7.07
C MET A 4 17.53 10.24 -7.93
N THR A 5 17.62 10.27 -9.26
CA THR A 5 16.47 10.32 -10.16
C THR A 5 16.38 8.99 -10.82
N GLN A 6 15.35 8.23 -10.41
CA GLN A 6 15.12 6.87 -10.88
C GLN A 6 14.08 6.86 -11.98
N SER A 7 14.24 5.97 -12.95
CA SER A 7 13.28 5.90 -14.06
C SER A 7 13.16 4.51 -14.61
N PRO A 8 11.95 4.10 -15.06
CA PRO A 8 10.73 4.92 -15.03
C PRO A 8 10.01 4.70 -13.70
N SER A 9 8.97 5.48 -13.41
CA SER A 9 8.32 5.31 -12.14
C SER A 9 7.49 4.04 -12.09
N SER A 10 7.11 3.53 -13.24
CA SER A 10 6.36 2.26 -13.31
C SER A 10 6.45 1.77 -14.74
N MET A 11 6.16 0.50 -14.97
CA MET A 11 6.19 -0.07 -16.31
C MET A 11 5.54 -1.44 -16.26
N TYR A 12 4.94 -1.85 -17.35
CA TYR A 12 4.32 -3.15 -17.49
C TYR A 12 5.32 -3.93 -18.36
N ALA A 13 5.56 -5.21 -18.08
CA ALA A 13 6.49 -5.99 -18.87
C ALA A 13 5.99 -7.43 -18.96
N SER A 14 6.42 -8.17 -19.99
CA SER A 14 5.95 -9.56 -20.14
C SER A 14 7.03 -10.50 -19.64
N LEU A 15 6.62 -11.71 -19.35
CA LEU A 15 7.63 -12.68 -18.88
C LEU A 15 8.62 -12.89 -20.03
N GLY A 16 9.92 -12.99 -19.75
CA GLY A 16 10.86 -13.20 -20.84
C GLY A 16 11.50 -11.90 -21.31
N GLU A 17 10.90 -10.75 -21.05
CA GLU A 17 11.56 -9.50 -21.46
C GLU A 17 12.78 -9.11 -20.63
N ARG A 18 13.65 -8.25 -21.22
CA ARG A 18 14.85 -7.75 -20.55
C ARG A 18 14.36 -6.43 -20.00
N VAL A 19 14.46 -6.24 -18.69
CA VAL A 19 13.96 -5.02 -18.05
C VAL A 19 15.18 -4.19 -17.58
N THR A 20 15.22 -2.89 -17.92
CA THR A 20 16.33 -2.01 -17.46
C THR A 20 15.69 -0.82 -16.70
N ILE A 21 16.21 -0.56 -15.49
CA ILE A 21 15.72 0.50 -14.60
C ILE A 21 16.96 1.40 -14.41
N THR A 22 16.78 2.71 -14.54
CA THR A 22 17.94 3.58 -14.35
C THR A 22 17.89 4.50 -13.14
N CYS A 23 19.07 4.97 -12.76
CA CYS A 23 19.23 5.84 -11.65
C CYS A 23 20.35 6.83 -11.99
N LYS A 24 20.06 8.11 -11.85
CA LYS A 24 21.04 9.13 -12.12
C LYS A 24 21.25 9.99 -10.85
N ALA A 25 22.49 10.11 -10.40
CA ALA A 25 22.79 10.90 -9.21
C ALA A 25 23.13 12.37 -9.59
N SER A 26 22.86 13.31 -8.68
CA SER A 26 23.15 14.74 -8.93
C SER A 26 24.68 14.96 -8.94
N GLN A 27 25.45 14.10 -8.29
CA GLN A 27 26.89 14.25 -8.41
C GLN A 27 27.55 12.88 -8.52
N ASP A 28 28.86 12.85 -8.75
CA ASP A 28 29.58 11.59 -8.93
C ASP A 28 29.63 10.81 -7.61
N ILE A 29 29.10 9.58 -7.61
CA ILE A 29 29.08 8.76 -6.39
C ILE A 29 30.09 7.62 -6.30
N ASN A 30 30.97 7.51 -7.31
CA ASN A 30 32.05 6.54 -7.28
C ASN A 30 31.61 5.09 -7.03
N SER A 31 30.53 4.70 -7.71
CA SER A 31 30.01 3.33 -7.57
C SER A 31 29.47 2.88 -6.21
N TYR A 32 29.33 3.80 -5.26
CA TYR A 32 28.79 3.44 -3.96
C TYR A 32 27.23 3.50 -4.08
N LEU A 33 26.67 2.58 -4.84
CA LEU A 33 25.20 2.52 -5.08
C LEU A 33 24.78 1.10 -4.76
N SER A 34 23.58 0.95 -4.18
CA SER A 34 23.03 -0.35 -3.89
C SER A 34 21.66 -0.36 -4.56
N TRP A 35 21.14 -1.55 -4.87
CA TRP A 35 19.78 -1.68 -5.49
C TRP A 35 19.00 -2.61 -4.59
N PHE A 36 17.70 -2.37 -4.37
CA PHE A 36 16.87 -3.21 -3.50
C PHE A 36 15.53 -3.59 -4.19
N GLN A 37 14.93 -4.70 -3.77
CA GLN A 37 13.65 -5.13 -4.29
C GLN A 37 12.70 -5.26 -3.10
N GLN A 38 11.48 -4.71 -3.22
CA GLN A 38 10.51 -4.86 -2.15
C GLN A 38 9.17 -5.32 -2.67
N LYS A 39 8.61 -6.32 -1.98
CA LYS A 39 7.32 -6.88 -2.33
C LYS A 39 6.27 -6.40 -1.33
N PRO A 40 5.00 -6.29 -1.77
CA PRO A 40 3.97 -5.83 -0.83
C PRO A 40 4.01 -6.45 0.58
N GLY A 41 4.05 -5.57 1.56
CA GLY A 41 4.07 -5.99 2.94
C GLY A 41 5.32 -6.74 3.39
N LYS A 42 6.38 -6.79 2.58
CA LYS A 42 7.57 -7.50 3.05
C LYS A 42 8.74 -6.50 3.15
N SER A 43 9.84 -6.87 3.79
CA SER A 43 11.05 -6.03 3.90
C SER A 43 11.83 -5.95 2.57
N PRO A 44 12.52 -4.82 2.31
CA PRO A 44 13.28 -4.73 1.05
C PRO A 44 14.35 -5.86 1.13
N LYS A 45 14.91 -6.28 0.01
CA LYS A 45 15.98 -7.22 0.05
C LYS A 45 17.10 -6.60 -0.82
N THR A 46 18.35 -6.67 -0.37
CA THR A 46 19.49 -6.10 -1.15
C THR A 46 19.87 -7.00 -2.30
N LEU A 47 19.91 -6.43 -3.49
CA LEU A 47 20.26 -7.17 -4.67
C LEU A 47 21.71 -6.98 -5.16
N ILE A 48 22.16 -5.71 -5.14
CA ILE A 48 23.49 -5.36 -5.62
C ILE A 48 24.13 -4.31 -4.71
N TYR A 49 25.46 -4.39 -4.52
CA TYR A 49 26.18 -3.36 -3.75
C TYR A 49 27.42 -2.89 -4.56
N ARG A 50 27.96 -1.70 -4.24
CA ARG A 50 29.08 -1.12 -5.01
C ARG A 50 28.78 -1.19 -6.50
N ALA A 51 27.57 -0.78 -6.89
CA ALA A 51 27.14 -0.74 -8.27
C ALA A 51 27.00 -2.03 -9.12
N ASN A 52 27.88 -3.02 -8.91
CA ASN A 52 27.82 -4.22 -9.76
C ASN A 52 28.17 -5.53 -9.10
N ARG A 53 28.14 -5.53 -7.78
CA ARG A 53 28.47 -6.73 -7.05
C ARG A 53 27.13 -7.35 -6.58
N LEU A 54 26.91 -8.58 -7.00
CA LEU A 54 25.70 -9.32 -6.66
C LEU A 54 25.80 -9.89 -5.24
N VAL A 55 24.76 -9.62 -4.44
CA VAL A 55 24.68 -10.11 -3.07
C VAL A 55 24.67 -11.63 -3.08
N ASP A 56 25.38 -12.31 -2.16
CA ASP A 56 25.41 -13.78 -2.16
C ASP A 56 23.99 -14.37 -2.17
N GLY A 57 23.74 -15.34 -3.03
CA GLY A 57 22.42 -15.90 -3.03
C GLY A 57 21.38 -15.30 -3.98
N VAL A 58 21.61 -14.10 -4.55
CA VAL A 58 20.66 -13.48 -5.49
C VAL A 58 20.86 -14.17 -6.83
N PRO A 59 19.78 -14.48 -7.57
CA PRO A 59 19.91 -15.14 -8.87
C PRO A 59 20.73 -14.31 -9.88
N SER A 60 21.49 -15.03 -10.70
CA SER A 60 22.37 -14.37 -11.69
C SER A 60 21.72 -13.53 -12.78
N ARG A 61 20.39 -13.65 -12.93
CA ARG A 61 19.69 -12.84 -13.92
C ARG A 61 19.68 -11.34 -13.55
N PHE A 62 20.06 -11.03 -12.31
CA PHE A 62 20.14 -9.63 -11.87
C PHE A 62 21.60 -9.11 -12.07
N SER A 63 21.76 -7.90 -12.59
CA SER A 63 23.11 -7.36 -12.72
C SER A 63 22.99 -5.87 -12.66
N GLY A 64 24.03 -5.21 -12.17
CA GLY A 64 23.96 -3.76 -12.21
C GLY A 64 25.20 -3.29 -12.94
N SER A 65 25.19 -2.06 -13.44
CA SER A 65 26.34 -1.46 -14.13
C SER A 65 26.25 0.07 -14.08
N GLY A 66 27.30 0.71 -14.58
CA GLY A 66 27.36 2.17 -14.59
C GLY A 66 28.56 2.68 -13.79
N SER A 67 28.75 4.00 -13.78
CA SER A 67 29.84 4.59 -12.99
C SER A 67 29.59 6.12 -13.00
N GLY A 68 30.40 6.86 -12.26
CA GLY A 68 30.22 8.31 -12.22
C GLY A 68 28.84 8.68 -11.67
N GLN A 69 28.01 9.24 -12.53
CA GLN A 69 26.66 9.62 -12.12
C GLN A 69 25.48 8.75 -12.68
N ASP A 70 25.74 7.82 -13.60
CA ASP A 70 24.64 7.08 -14.23
C ASP A 70 24.81 5.58 -13.99
N TYR A 71 23.75 4.98 -13.47
CA TYR A 71 23.72 3.56 -13.16
C TYR A 71 22.43 2.89 -13.67
N SER A 72 22.45 1.55 -13.71
CA SER A 72 21.23 0.85 -14.11
C SER A 72 21.20 -0.55 -13.53
N LEU A 73 19.99 -1.05 -13.34
CA LEU A 73 19.79 -2.42 -12.86
C LEU A 73 19.10 -3.11 -14.04
N THR A 74 19.56 -4.30 -14.38
CA THR A 74 18.98 -5.03 -15.52
C THR A 74 18.53 -6.43 -15.10
N ILE A 75 17.32 -6.82 -15.48
CA ILE A 75 16.88 -8.21 -15.19
C ILE A 75 16.88 -8.79 -16.61
N SER A 76 17.79 -9.71 -16.87
CA SER A 76 17.95 -10.23 -18.22
C SER A 76 16.73 -10.91 -18.82
N SER A 77 15.95 -11.64 -18.04
CA SER A 77 14.78 -12.29 -18.62
C SER A 77 13.79 -12.30 -17.49
N LEU A 78 12.75 -11.48 -17.59
CA LEU A 78 11.84 -11.32 -16.47
C LEU A 78 11.08 -12.55 -16.01
N GLU A 79 10.93 -12.68 -14.70
CA GLU A 79 10.16 -13.77 -14.10
C GLU A 79 9.01 -13.23 -13.23
N TYR A 80 7.98 -14.03 -13.02
CA TYR A 80 6.82 -13.51 -12.29
C TYR A 80 7.19 -13.04 -10.91
N GLU A 81 8.12 -13.75 -10.26
CA GLU A 81 8.58 -13.41 -8.92
C GLU A 81 9.31 -12.09 -8.86
N ASP A 82 9.71 -11.54 -10.01
CA ASP A 82 10.40 -10.24 -10.01
C ASP A 82 9.43 -9.04 -9.91
N MET A 83 8.11 -9.25 -9.96
CA MET A 83 7.22 -8.10 -9.85
C MET A 83 7.36 -7.49 -8.45
N GLY A 84 7.20 -6.17 -8.38
CA GLY A 84 7.31 -5.51 -7.10
C GLY A 84 7.93 -4.13 -7.34
N ILE A 85 8.49 -3.48 -6.32
CA ILE A 85 9.11 -2.13 -6.52
C ILE A 85 10.63 -2.18 -6.25
N TYR A 86 11.42 -1.49 -7.07
CA TYR A 86 12.88 -1.47 -6.92
C TYR A 86 13.32 -0.04 -6.57
N TYR A 87 14.34 0.07 -5.71
CA TYR A 87 14.92 1.32 -5.30
C TYR A 87 16.46 1.30 -5.42
N CYS A 88 17.04 2.45 -5.79
CA CYS A 88 18.48 2.63 -5.76
C CYS A 88 18.77 3.51 -4.50
N LEU A 89 20.01 3.42 -4.01
CA LEU A 89 20.44 4.14 -2.84
C LEU A 89 21.93 4.47 -2.99
N GLN A 90 22.33 5.76 -2.89
CA GLN A 90 23.78 6.07 -2.91
C GLN A 90 24.25 6.17 -1.47
N TYR A 91 25.44 5.61 -1.17
CA TYR A 91 25.98 5.71 0.16
C TYR A 91 27.41 6.24 0.06
N ASP A 92 27.56 7.19 -0.87
CA ASP A 92 28.85 7.89 -1.11
C ASP A 92 29.03 9.08 -0.14
N GLU A 93 27.96 9.79 0.15
CA GLU A 93 28.04 10.90 1.12
C GLU A 93 26.74 11.04 1.98
N PHE A 94 26.87 11.48 3.22
CA PHE A 94 25.71 11.68 4.08
C PHE A 94 24.92 12.92 3.60
N PRO A 95 23.59 12.87 3.68
CA PRO A 95 22.79 11.75 4.14
C PRO A 95 22.63 10.74 2.98
N TYR A 96 22.65 9.45 3.26
CA TYR A 96 22.45 8.49 2.14
C TYR A 96 21.00 8.76 1.64
N THR A 97 20.78 8.72 0.33
CA THR A 97 19.48 9.04 -0.28
C THR A 97 19.09 7.97 -1.31
N PHE A 98 17.76 7.73 -1.41
CA PHE A 98 17.13 6.72 -2.28
C PHE A 98 16.42 7.30 -3.54
N GLY A 99 16.27 6.51 -4.58
CA GLY A 99 15.51 6.93 -5.72
C GLY A 99 14.05 6.84 -5.27
N SER A 100 13.12 7.35 -6.07
CA SER A 100 11.73 7.35 -5.68
C SER A 100 11.01 6.06 -6.06
N GLY A 101 11.78 5.13 -6.63
CA GLY A 101 11.23 3.83 -6.97
C GLY A 101 10.67 3.55 -8.35
N THR A 102 10.71 2.27 -8.73
CA THR A 102 10.17 1.84 -10.01
C THR A 102 9.19 0.66 -9.74
N LYS A 103 7.89 0.80 -10.07
CA LYS A 103 6.94 -0.28 -9.85
C LYS A 103 6.87 -1.17 -11.11
N LEU A 104 7.19 -2.46 -10.96
CA LEU A 104 7.25 -3.39 -12.07
C LEU A 104 6.01 -4.27 -12.05
N GLU A 105 5.19 -4.17 -13.08
CA GLU A 105 3.95 -5.00 -13.15
C GLU A 105 3.88 -5.87 -14.44
N ILE A 106 2.98 -6.85 -14.48
CA ILE A 106 2.80 -7.74 -15.65
C ILE A 106 1.83 -7.13 -16.70
N LYS A 107 2.29 -7.14 -17.92
CA LYS A 107 1.58 -6.62 -19.06
C LYS A 107 0.56 -7.65 -19.55
N ARG A 108 -0.59 -7.19 -20.01
CA ARG A 108 -1.58 -8.07 -20.57
C ARG A 108 -2.34 -7.15 -21.50
N THR A 109 -3.44 -7.64 -22.06
CA THR A 109 -4.30 -6.91 -22.99
C THR A 109 -5.21 -5.88 -22.33
N VAL A 110 -5.51 -4.80 -23.04
CA VAL A 110 -6.44 -3.79 -22.55
C VAL A 110 -7.80 -4.45 -22.30
N ALA A 111 -8.48 -4.02 -21.24
CA ALA A 111 -9.79 -4.57 -20.88
C ALA A 111 -10.47 -3.43 -20.13
N ALA A 112 -11.64 -3.06 -20.65
CA ALA A 112 -12.44 -1.99 -20.14
C ALA A 112 -13.20 -2.38 -18.87
N PRO A 113 -13.45 -1.44 -17.98
CA PRO A 113 -14.19 -1.82 -16.76
C PRO A 113 -15.69 -2.08 -16.94
N SER A 114 -16.27 -2.91 -16.09
CA SER A 114 -17.72 -3.12 -16.10
C SER A 114 -18.02 -2.18 -14.97
N VAL A 115 -18.97 -1.26 -15.11
CA VAL A 115 -19.24 -0.30 -14.05
C VAL A 115 -20.59 -0.47 -13.41
N PHE A 116 -20.68 -0.30 -12.10
CA PHE A 116 -21.94 -0.46 -11.37
C PHE A 116 -22.11 0.65 -10.36
N ILE A 117 -23.34 1.08 -10.12
CA ILE A 117 -23.51 2.13 -9.14
C ILE A 117 -24.38 1.59 -8.06
N PHE A 118 -24.10 1.95 -6.81
CA PHE A 118 -24.87 1.53 -5.64
C PHE A 118 -25.38 2.71 -4.74
N PRO A 119 -26.71 2.89 -4.66
CA PRO A 119 -27.21 3.99 -3.80
C PRO A 119 -27.08 3.63 -2.32
N PRO A 120 -27.17 4.61 -1.43
CA PRO A 120 -27.06 4.33 -0.01
C PRO A 120 -28.23 3.46 0.42
N SER A 121 -28.04 2.65 1.46
CA SER A 121 -29.15 1.82 1.93
C SER A 121 -29.94 2.71 2.87
N ASP A 122 -31.19 2.31 3.14
CA ASP A 122 -32.06 3.08 4.00
C ASP A 122 -31.59 2.92 5.42
N GLU A 123 -30.96 1.77 5.67
CA GLU A 123 -30.39 1.50 6.98
C GLU A 123 -29.38 2.60 7.33
N GLN A 124 -28.48 2.91 6.38
CA GLN A 124 -27.47 3.97 6.63
C GLN A 124 -28.17 5.34 6.69
N LEU A 125 -29.16 5.56 5.81
CA LEU A 125 -29.89 6.84 5.79
C LEU A 125 -30.35 7.20 7.22
N LYS A 126 -30.77 6.20 7.98
CA LYS A 126 -31.20 6.40 9.35
C LYS A 126 -30.19 7.23 10.15
N SER A 127 -28.94 6.77 10.12
CA SER A 127 -27.82 7.39 10.82
C SER A 127 -27.62 8.85 10.52
N GLY A 128 -27.85 9.24 9.28
CA GLY A 128 -27.67 10.65 8.95
C GLY A 128 -26.62 10.90 7.89
N THR A 129 -26.19 9.81 7.25
CA THR A 129 -25.16 9.89 6.20
C THR A 129 -25.53 8.99 5.05
N ALA A 130 -25.07 9.35 3.87
CA ALA A 130 -25.28 8.57 2.68
C ALA A 130 -23.95 8.35 1.96
N SER A 131 -23.63 7.09 1.67
CA SER A 131 -22.43 6.76 0.90
C SER A 131 -22.90 6.21 -0.43
N VAL A 132 -22.49 6.82 -1.53
CA VAL A 132 -22.89 6.32 -2.85
C VAL A 132 -21.59 5.69 -3.41
N VAL A 133 -21.66 4.45 -3.88
CA VAL A 133 -20.47 3.76 -4.34
C VAL A 133 -20.52 3.40 -5.80
N CYS A 134 -19.38 3.56 -6.43
CA CYS A 134 -19.23 3.27 -7.83
C CYS A 134 -18.18 2.21 -7.89
N LEU A 135 -18.44 1.15 -8.65
CA LEU A 135 -17.50 0.05 -8.80
C LEU A 135 -17.09 -0.09 -10.26
N LEU A 136 -15.76 -0.18 -10.50
CA LEU A 136 -15.17 -0.40 -11.82
C LEU A 136 -14.51 -1.75 -11.61
N ASN A 137 -15.01 -2.79 -12.29
CA ASN A 137 -14.51 -4.18 -12.07
C ASN A 137 -13.66 -4.68 -13.25
N ASN A 138 -12.55 -5.36 -12.94
CA ASN A 138 -11.63 -6.03 -13.89
C ASN A 138 -11.16 -5.32 -15.14
N PHE A 139 -10.38 -4.24 -14.95
CA PHE A 139 -9.85 -3.43 -16.03
C PHE A 139 -8.31 -3.43 -16.11
N TYR A 140 -7.83 -2.89 -17.22
CA TYR A 140 -6.39 -2.77 -17.46
C TYR A 140 -6.22 -1.83 -18.66
N PRO A 141 -5.21 -0.96 -18.60
CA PRO A 141 -4.26 -0.88 -17.49
C PRO A 141 -4.84 -0.08 -16.31
N ARG A 142 -4.00 0.23 -15.32
CA ARG A 142 -4.43 0.93 -14.10
C ARG A 142 -5.17 2.29 -14.21
N GLU A 143 -4.58 3.22 -14.94
CA GLU A 143 -5.13 4.54 -15.05
C GLU A 143 -6.62 4.59 -15.41
N ALA A 144 -7.37 5.34 -14.64
CA ALA A 144 -8.79 5.45 -14.84
C ALA A 144 -9.25 6.69 -14.11
N LYS A 145 -10.34 7.27 -14.54
CA LYS A 145 -10.88 8.46 -13.88
C LYS A 145 -12.35 8.26 -13.65
N VAL A 146 -12.79 8.66 -12.48
CA VAL A 146 -14.19 8.55 -12.03
C VAL A 146 -14.59 9.96 -11.69
N GLN A 147 -15.76 10.39 -12.17
CA GLN A 147 -16.28 11.74 -11.89
C GLN A 147 -17.70 11.63 -11.42
N TRP A 148 -17.98 12.17 -10.24
CA TRP A 148 -19.32 12.12 -9.69
C TRP A 148 -20.13 13.38 -10.06
N LYS A 149 -21.39 13.21 -10.42
CA LYS A 149 -22.31 14.33 -10.75
C LYS A 149 -23.62 14.12 -10.03
N VAL A 150 -24.08 15.10 -9.28
CA VAL A 150 -25.35 15.02 -8.57
C VAL A 150 -26.24 16.10 -9.24
N ASP A 151 -27.33 15.66 -9.88
CA ASP A 151 -28.22 16.58 -10.60
C ASP A 151 -27.36 17.41 -11.52
N ASN A 152 -26.36 16.77 -12.09
CA ASN A 152 -25.42 17.41 -13.01
C ASN A 152 -24.32 18.31 -12.46
N ALA A 153 -24.36 18.56 -11.14
CA ALA A 153 -23.35 19.37 -10.46
C ALA A 153 -22.17 18.42 -10.20
N LEU A 154 -20.98 18.78 -10.62
CA LEU A 154 -19.81 17.92 -10.40
C LEU A 154 -19.25 18.04 -8.96
N GLN A 155 -19.07 16.89 -8.29
CA GLN A 155 -18.55 16.79 -6.92
C GLN A 155 -17.00 16.75 -6.90
N SER A 156 -16.38 17.39 -5.93
CA SER A 156 -14.92 17.37 -5.83
C SER A 156 -14.58 17.47 -4.34
N GLY A 157 -13.63 16.69 -3.83
CA GLY A 157 -13.35 16.84 -2.42
C GLY A 157 -14.11 15.91 -1.50
N ASN A 158 -15.21 15.33 -1.98
CA ASN A 158 -16.02 14.46 -1.15
C ASN A 158 -16.12 13.02 -1.60
N SER A 159 -15.07 12.54 -2.24
CA SER A 159 -15.02 11.16 -2.67
C SER A 159 -13.65 10.62 -2.35
N GLN A 160 -13.58 9.29 -2.15
CA GLN A 160 -12.30 8.55 -1.84
C GLN A 160 -12.29 7.21 -2.64
N GLU A 161 -11.15 6.78 -3.19
CA GLU A 161 -11.14 5.52 -3.91
C GLU A 161 -9.98 4.65 -3.44
N SER A 162 -10.10 3.34 -3.69
CA SER A 162 -9.01 2.38 -3.43
C SER A 162 -9.07 1.35 -4.57
N VAL A 163 -7.92 0.74 -4.87
CA VAL A 163 -7.76 -0.21 -5.95
C VAL A 163 -7.04 -1.46 -5.44
N THR A 164 -7.35 -2.59 -6.08
CA THR A 164 -6.73 -3.87 -5.76
C THR A 164 -5.39 -3.96 -6.50
N GLU A 165 -4.54 -4.88 -6.09
CA GLU A 165 -3.30 -5.06 -6.83
C GLU A 165 -3.71 -5.96 -8.02
N GLN A 166 -2.84 -6.09 -9.02
CA GLN A 166 -3.14 -6.96 -10.15
C GLN A 166 -3.58 -8.34 -9.67
N ASP A 167 -4.61 -8.90 -10.31
CA ASP A 167 -5.14 -10.20 -9.93
C ASP A 167 -4.19 -11.35 -10.32
N SER A 168 -4.04 -12.34 -9.45
CA SER A 168 -3.14 -13.43 -9.77
C SER A 168 -3.62 -14.34 -10.89
N LYS A 169 -4.90 -14.27 -11.23
CA LYS A 169 -5.45 -15.11 -12.29
C LYS A 169 -5.59 -14.30 -13.55
N ASP A 170 -6.05 -13.07 -13.47
CA ASP A 170 -6.15 -12.35 -14.74
C ASP A 170 -5.43 -11.01 -14.92
N SER A 171 -4.58 -10.64 -13.95
CA SER A 171 -3.77 -9.42 -14.04
C SER A 171 -4.50 -8.09 -14.23
N THR A 172 -5.80 -8.06 -13.92
CA THR A 172 -6.56 -6.83 -13.99
C THR A 172 -6.72 -6.24 -12.59
N TYR A 173 -7.24 -5.05 -12.55
CA TYR A 173 -7.45 -4.34 -11.32
C TYR A 173 -8.92 -4.14 -11.09
N SER A 174 -9.32 -3.79 -9.85
CA SER A 174 -10.72 -3.42 -9.58
C SER A 174 -10.64 -2.21 -8.70
N LEU A 175 -11.63 -1.31 -8.78
CA LEU A 175 -11.58 -0.12 -7.99
C LEU A 175 -12.94 0.36 -7.52
N SER A 176 -12.95 0.94 -6.34
CA SER A 176 -14.17 1.48 -5.84
C SER A 176 -13.99 2.95 -5.47
N SER A 177 -15.05 3.73 -5.73
CA SER A 177 -15.12 5.12 -5.39
C SER A 177 -16.36 5.36 -4.54
N THR A 178 -16.15 5.95 -3.37
CA THR A 178 -17.23 6.24 -2.49
C THR A 178 -17.42 7.75 -2.41
N LEU A 179 -18.65 8.16 -2.68
CA LEU A 179 -19.03 9.56 -2.61
C LEU A 179 -19.79 9.68 -1.28
N THR A 180 -19.41 10.59 -0.40
CA THR A 180 -20.11 10.72 0.87
C THR A 180 -20.88 12.04 0.97
N LEU A 181 -22.15 11.93 1.37
CA LEU A 181 -23.01 13.10 1.52
C LEU A 181 -23.80 13.05 2.81
N SER A 182 -24.17 14.24 3.31
CA SER A 182 -25.03 14.35 4.51
C SER A 182 -26.38 13.81 4.05
N LYS A 183 -27.11 13.17 4.94
CA LYS A 183 -28.44 12.62 4.62
C LYS A 183 -29.26 13.70 4.00
N ALA A 184 -29.06 14.91 4.51
CA ALA A 184 -29.77 16.10 4.04
C ALA A 184 -29.43 16.47 2.63
N ASP A 185 -28.14 16.67 2.36
CA ASP A 185 -27.74 17.05 1.01
C ASP A 185 -28.33 16.00 0.07
N TYR A 186 -28.13 14.73 0.38
CA TYR A 186 -28.61 13.62 -0.46
C TYR A 186 -30.08 13.72 -0.80
N GLU A 187 -30.88 14.03 0.22
CA GLU A 187 -32.30 14.15 0.04
C GLU A 187 -32.64 15.35 -0.87
N LYS A 188 -31.80 16.40 -0.85
CA LYS A 188 -31.97 17.62 -1.68
C LYS A 188 -31.83 17.44 -3.21
N HIS A 189 -31.02 16.49 -3.67
CA HIS A 189 -30.86 16.33 -5.13
C HIS A 189 -31.61 15.11 -5.67
N LYS A 190 -31.56 14.91 -6.99
CA LYS A 190 -32.26 13.77 -7.61
C LYS A 190 -31.42 12.75 -8.35
N VAL A 191 -30.69 13.22 -9.35
CA VAL A 191 -29.88 12.40 -10.23
C VAL A 191 -28.41 12.15 -9.83
N TYR A 192 -28.10 10.91 -9.45
CA TYR A 192 -26.73 10.58 -9.02
C TYR A 192 -26.06 9.78 -10.08
N ALA A 193 -24.99 10.30 -10.67
CA ALA A 193 -24.29 9.61 -11.75
C ALA A 193 -22.78 9.44 -11.56
N CYS A 194 -22.25 8.32 -12.07
CA CYS A 194 -20.84 7.99 -12.00
C CYS A 194 -20.29 7.89 -13.42
N GLU A 195 -19.48 8.85 -13.85
CA GLU A 195 -18.91 8.76 -15.19
C GLU A 195 -17.47 8.26 -15.12
N VAL A 196 -17.17 7.17 -15.85
CA VAL A 196 -15.85 6.51 -15.88
C VAL A 196 -15.11 6.64 -17.20
N THR A 197 -13.88 7.13 -17.12
CA THR A 197 -13.10 7.28 -18.32
C THR A 197 -11.93 6.30 -18.25
N HIS A 198 -11.74 5.56 -19.33
CA HIS A 198 -10.68 4.55 -19.42
C HIS A 198 -10.38 4.17 -20.87
N GLN A 199 -9.10 3.93 -21.14
CA GLN A 199 -8.65 3.50 -22.47
C GLN A 199 -9.66 2.49 -23.11
N GLY A 200 -9.92 1.41 -22.41
CA GLY A 200 -10.81 0.40 -22.96
C GLY A 200 -12.16 0.89 -23.44
N LEU A 201 -12.45 2.16 -23.19
CA LEU A 201 -13.75 2.68 -23.56
C LEU A 201 -13.69 3.68 -24.70
N SER A 202 -14.33 3.32 -25.82
CA SER A 202 -14.41 4.20 -26.99
C SER A 202 -14.97 5.56 -26.56
N SER A 203 -15.87 5.55 -25.58
CA SER A 203 -16.45 6.79 -25.02
C SER A 203 -16.83 6.63 -23.52
N PRO A 204 -16.66 7.69 -22.71
CA PRO A 204 -16.96 7.76 -21.27
C PRO A 204 -18.31 7.19 -20.88
N VAL A 205 -18.30 6.13 -20.06
CA VAL A 205 -19.52 5.46 -19.61
C VAL A 205 -20.09 6.11 -18.36
N THR A 206 -21.42 6.12 -18.26
CA THR A 206 -22.15 6.68 -17.14
C THR A 206 -23.18 5.72 -16.59
N LYS A 207 -23.20 5.58 -15.28
CA LYS A 207 -24.18 4.75 -14.62
C LYS A 207 -24.79 5.71 -13.63
N SER A 208 -26.10 5.78 -13.58
CA SER A 208 -26.77 6.69 -12.66
C SER A 208 -28.05 6.09 -12.09
N PHE A 209 -28.64 6.76 -11.11
CA PHE A 209 -29.86 6.29 -10.49
C PHE A 209 -30.61 7.51 -9.93
N ASN A 210 -31.88 7.33 -9.57
CA ASN A 210 -32.63 8.45 -9.05
C ASN A 210 -33.25 8.35 -7.66
N ARG A 211 -33.18 9.48 -6.96
CA ARG A 211 -33.75 9.68 -5.63
C ARG A 211 -32.77 9.91 -4.52
N GLN B 1 22.86 -17.74 8.94
CA GLN B 1 21.81 -17.36 9.90
C GLN B 1 22.21 -16.13 10.72
N VAL B 2 22.26 -15.00 10.03
CA VAL B 2 22.55 -13.70 10.61
C VAL B 2 21.14 -13.14 10.72
N GLN B 3 20.69 -12.62 11.88
CA GLN B 3 19.32 -12.12 11.92
C GLN B 3 18.99 -10.83 12.69
N LEU B 4 17.91 -10.22 12.26
CA LEU B 4 17.45 -8.96 12.81
C LEU B 4 16.04 -9.04 13.41
N GLN B 5 15.92 -8.75 14.71
CA GLN B 5 14.63 -8.85 15.36
C GLN B 5 14.07 -7.52 15.86
N GLN B 6 12.99 -7.08 15.22
CA GLN B 6 12.38 -5.79 15.57
C GLN B 6 11.20 -5.88 16.52
N SER B 7 10.91 -4.82 17.29
CA SER B 7 9.75 -4.84 18.19
C SER B 7 8.38 -4.83 17.47
N GLY B 8 7.31 -5.19 18.19
CA GLY B 8 5.95 -5.29 17.62
C GLY B 8 5.24 -4.00 17.26
N ALA B 9 4.10 -4.04 16.56
CA ALA B 9 3.41 -2.77 16.16
C ALA B 9 3.10 -1.82 17.30
N GLU B 10 3.10 -0.52 17.03
CA GLU B 10 2.83 0.45 18.06
C GLU B 10 1.71 1.41 17.60
N LEU B 11 0.88 1.83 18.54
CA LEU B 11 -0.17 2.80 18.26
C LEU B 11 0.09 3.92 19.27
N MET B 12 0.34 5.13 18.78
CA MET B 12 0.65 6.24 19.65
C MET B 12 -0.22 7.46 19.43
N LYS B 13 -0.35 8.26 20.52
CA LYS B 13 -1.06 9.53 20.49
C LYS B 13 -0.14 10.61 19.86
N PRO B 14 -0.72 11.55 19.11
CA PRO B 14 0.15 12.58 18.53
C PRO B 14 0.85 13.29 19.69
N GLY B 15 2.13 13.61 19.57
CA GLY B 15 2.82 14.28 20.65
C GLY B 15 3.65 13.35 21.52
N ALA B 16 3.30 12.08 21.50
CA ALA B 16 3.98 11.09 22.32
C ALA B 16 5.31 10.72 21.67
N SER B 17 6.14 9.93 22.36
CA SER B 17 7.42 9.44 21.85
C SER B 17 7.33 7.92 21.89
N VAL B 18 7.97 7.23 20.95
CA VAL B 18 7.96 5.77 20.97
C VAL B 18 9.40 5.23 20.79
N LYS B 19 9.73 4.09 21.37
CA LYS B 19 11.12 3.62 21.22
C LYS B 19 11.08 2.22 20.67
N ILE B 20 11.57 2.01 19.45
CA ILE B 20 11.53 0.67 18.91
C ILE B 20 12.94 0.07 18.99
N SER B 21 12.98 -1.24 19.07
CA SER B 21 14.25 -1.97 19.19
C SER B 21 14.52 -2.92 18.03
N CYS B 22 15.75 -3.40 18.02
CA CYS B 22 16.20 -4.32 16.97
C CYS B 22 17.32 -5.16 17.63
N LYS B 23 17.08 -6.46 17.80
CA LYS B 23 18.05 -7.36 18.44
C LYS B 23 18.78 -8.14 17.39
N ALA B 24 20.07 -7.86 17.24
CA ALA B 24 20.90 -8.51 16.23
C ALA B 24 21.55 -9.75 16.78
N THR B 25 21.48 -10.83 16.02
CA THR B 25 22.08 -12.10 16.45
C THR B 25 22.88 -12.77 15.33
N GLY B 26 23.86 -13.58 15.73
CA GLY B 26 24.68 -14.32 14.78
C GLY B 26 25.91 -13.62 14.23
N TYR B 27 26.44 -12.62 14.92
CA TYR B 27 27.61 -11.89 14.45
C TYR B 27 28.07 -10.96 15.55
N THR B 28 29.26 -10.37 15.43
CA THR B 28 29.75 -9.48 16.50
C THR B 28 29.28 -8.03 16.39
N PHE B 29 28.10 -7.84 16.96
CA PHE B 29 27.36 -6.59 17.05
C PHE B 29 28.17 -5.29 17.01
N SER B 30 29.28 -5.29 17.74
CA SER B 30 30.12 -4.11 17.91
C SER B 30 30.90 -3.54 16.73
N SER B 31 31.19 -4.32 15.71
CA SER B 31 31.95 -3.77 14.59
C SER B 31 31.09 -3.25 13.43
N TYR B 32 29.78 -3.57 13.41
CA TYR B 32 28.91 -3.16 12.30
C TYR B 32 27.95 -1.99 12.57
N TRP B 33 27.75 -1.15 11.58
CA TRP B 33 26.81 -0.05 11.73
C TRP B 33 25.39 -0.59 11.56
N ILE B 34 24.44 -0.06 12.35
CA ILE B 34 23.04 -0.46 12.25
C ILE B 34 22.35 0.70 11.53
N GLU B 35 21.69 0.43 10.42
CA GLU B 35 21.00 1.47 9.66
C GLU B 35 19.47 1.47 10.00
N TRP B 36 18.85 2.66 9.98
CA TRP B 36 17.41 2.83 10.24
C TRP B 36 16.76 3.51 9.02
N VAL B 37 15.63 2.96 8.55
CA VAL B 37 14.97 3.43 7.34
C VAL B 37 13.44 3.59 7.55
N LYS B 38 12.84 4.61 6.93
CA LYS B 38 11.39 4.90 7.05
C LYS B 38 10.60 4.62 5.79
N GLN B 39 9.49 3.89 5.94
CA GLN B 39 8.71 3.61 4.74
C GLN B 39 7.26 3.94 4.96
N ARG B 40 6.79 5.05 4.43
CA ARG B 40 5.37 5.33 4.56
C ARG B 40 4.78 5.26 3.17
N PRO B 41 3.51 4.93 3.05
CA PRO B 41 2.84 4.83 1.75
C PRO B 41 2.99 6.12 0.93
N GLY B 42 3.21 5.95 -0.36
CA GLY B 42 3.39 7.11 -1.22
C GLY B 42 4.70 7.87 -1.05
N HIS B 43 5.64 7.30 -0.31
CA HIS B 43 6.90 7.98 -0.11
C HIS B 43 8.13 7.06 -0.17
N GLY B 44 8.06 6.02 -0.99
CA GLY B 44 9.22 5.14 -1.10
C GLY B 44 9.87 4.87 0.24
N LEU B 45 11.22 4.79 0.23
CA LEU B 45 12.03 4.57 1.41
C LEU B 45 12.79 5.87 1.74
N GLU B 46 13.10 6.12 3.01
CA GLU B 46 13.90 7.29 3.45
C GLU B 46 14.94 6.83 4.46
N TRP B 47 16.15 7.38 4.36
CA TRP B 47 17.21 7.00 5.30
C TRP B 47 17.18 7.92 6.53
N ILE B 48 16.99 7.35 7.72
CA ILE B 48 16.95 8.15 8.96
C ILE B 48 18.35 8.42 9.53
N GLY B 49 19.15 7.33 9.61
CA GLY B 49 20.53 7.40 10.12
C GLY B 49 21.17 6.04 10.50
N GLU B 50 22.35 6.07 11.12
CA GLU B 50 23.03 4.84 11.53
C GLU B 50 23.82 5.06 12.81
N ILE B 51 24.00 3.99 13.58
CA ILE B 51 24.75 4.06 14.81
C ILE B 51 25.68 2.84 14.79
N LEU B 52 26.88 2.95 15.36
CA LEU B 52 27.86 1.84 15.45
C LEU B 52 27.84 1.39 16.90
N PRO B 53 27.52 0.11 17.17
CA PRO B 53 27.49 -0.32 18.56
C PRO B 53 28.87 -0.43 19.18
N GLY B 54 29.01 0.08 20.42
CA GLY B 54 30.31 0.06 21.14
C GLY B 54 30.76 1.50 21.35
N SER B 55 31.41 2.04 20.34
CA SER B 55 31.84 3.42 20.33
C SER B 55 30.63 4.33 20.33
N GLY B 56 29.50 3.79 19.85
CA GLY B 56 28.30 4.59 19.78
C GLY B 56 28.29 5.74 18.79
N SER B 57 29.20 5.77 17.82
CA SER B 57 29.16 6.86 16.84
C SER B 57 27.86 6.75 16.10
N THR B 58 27.34 7.90 15.71
CA THR B 58 26.06 7.96 15.00
C THR B 58 26.14 9.02 13.90
N ASN B 59 25.24 8.89 12.91
CA ASN B 59 25.13 9.82 11.77
C ASN B 59 23.60 10.04 11.49
N TYR B 60 23.18 11.28 11.53
CA TYR B 60 21.78 11.59 11.33
C TYR B 60 21.48 12.35 10.06
N ASN B 61 20.40 11.99 9.39
CA ASN B 61 19.96 12.73 8.20
C ASN B 61 19.39 14.01 8.82
N GLU B 62 19.82 15.17 8.34
CA GLU B 62 19.36 16.45 8.91
C GLU B 62 17.86 16.54 9.08
N LYS B 63 17.15 15.91 8.14
CA LYS B 63 15.69 15.88 8.17
C LYS B 63 15.13 15.27 9.46
N PHE B 64 15.87 14.39 10.11
CA PHE B 64 15.38 13.73 11.33
C PHE B 64 16.13 13.99 12.61
N LYS B 65 17.13 14.86 12.56
CA LYS B 65 17.95 15.09 13.75
C LYS B 65 17.22 15.25 15.10
N GLY B 66 16.35 16.24 15.20
CA GLY B 66 15.69 16.41 16.48
C GLY B 66 14.64 15.32 16.72
N LYS B 67 14.12 14.77 15.65
CA LYS B 67 13.08 13.78 15.85
C LYS B 67 13.47 12.35 16.18
N ALA B 68 14.58 11.85 15.63
CA ALA B 68 15.04 10.49 15.94
C ALA B 68 16.32 10.49 16.79
N THR B 69 16.46 9.55 17.72
CA THR B 69 17.66 9.40 18.59
C THR B 69 18.03 7.91 18.71
N PHE B 70 19.26 7.51 18.33
CA PHE B 70 19.69 6.10 18.43
C PHE B 70 20.57 5.80 19.64
N THR B 71 20.55 4.56 20.10
CA THR B 71 21.35 4.10 21.22
C THR B 71 21.50 2.64 20.91
N ALA B 72 22.48 2.00 21.54
CA ALA B 72 22.66 0.61 21.30
C ALA B 72 23.13 0.01 22.61
N ASP B 73 22.59 -1.15 22.96
CA ASP B 73 23.00 -1.83 24.22
C ASP B 73 23.98 -2.90 23.83
N THR B 74 25.24 -2.77 24.23
CA THR B 74 26.24 -3.76 23.83
C THR B 74 26.03 -5.21 24.31
N SER B 75 25.71 -5.36 25.59
CA SER B 75 25.50 -6.67 26.20
C SER B 75 24.32 -7.43 25.64
N SER B 76 23.18 -6.78 25.59
CA SER B 76 21.99 -7.42 25.07
C SER B 76 21.97 -7.47 23.54
N ASN B 77 23.00 -6.94 22.89
CA ASN B 77 23.03 -7.00 21.42
C ASN B 77 21.77 -6.32 20.84
N THR B 78 21.33 -5.21 21.44
CA THR B 78 20.12 -4.54 20.94
C THR B 78 20.33 -3.07 20.62
N ALA B 79 19.67 -2.58 19.55
CA ALA B 79 19.82 -1.16 19.17
C ALA B 79 18.44 -0.53 19.20
N TYR B 80 18.38 0.78 19.41
CA TYR B 80 17.09 1.45 19.55
C TYR B 80 16.97 2.75 18.79
N MET B 81 15.74 3.06 18.37
CA MET B 81 15.53 4.36 17.78
C MET B 81 14.29 4.95 18.53
N GLN B 82 14.42 6.16 19.09
CA GLN B 82 13.30 6.77 19.76
C GLN B 82 12.79 7.86 18.83
N LEU B 83 11.50 7.86 18.57
CA LEU B 83 10.94 8.93 17.71
C LEU B 83 10.09 9.78 18.67
N SER B 84 10.29 11.08 18.63
CA SER B 84 9.58 12.01 19.53
C SER B 84 8.65 12.98 18.81
N SER B 85 7.83 13.73 19.55
CA SER B 85 6.88 14.68 18.96
C SER B 85 6.09 14.10 17.81
N LEU B 86 5.68 12.86 17.91
CA LEU B 86 4.93 12.24 16.83
C LEU B 86 3.75 12.97 16.19
N THR B 87 3.60 12.78 14.86
CA THR B 87 2.51 13.37 14.10
C THR B 87 2.07 12.29 13.12
N SER B 88 0.98 12.54 12.37
CA SER B 88 0.46 11.55 11.43
C SER B 88 1.47 11.29 10.32
N GLU B 89 2.29 12.31 10.10
CA GLU B 89 3.36 12.28 9.13
C GLU B 89 4.40 11.16 9.55
N ASP B 90 4.39 10.77 10.82
CA ASP B 90 5.27 9.71 11.29
C ASP B 90 4.68 8.33 11.24
N SER B 91 3.43 8.19 10.80
CA SER B 91 2.86 6.84 10.71
C SER B 91 3.56 6.22 9.52
N ALA B 92 4.17 5.04 9.73
CA ALA B 92 4.99 4.37 8.73
C ALA B 92 5.47 3.03 9.27
N VAL B 93 6.09 2.24 8.39
CA VAL B 93 6.78 1.01 8.82
C VAL B 93 8.27 1.44 8.90
N TYR B 94 8.93 1.12 10.03
CA TYR B 94 10.33 1.48 10.26
C TYR B 94 11.15 0.23 10.18
N TYR B 95 12.29 0.25 9.49
CA TYR B 95 13.14 -0.95 9.39
C TYR B 95 14.50 -0.67 9.95
N CYS B 96 15.15 -1.67 10.55
CA CYS B 96 16.58 -1.50 10.98
C CYS B 96 17.39 -2.46 10.09
N ALA B 97 18.64 -2.11 9.84
CA ALA B 97 19.41 -2.97 8.97
C ALA B 97 20.90 -2.90 9.28
N ARG B 98 21.55 -4.06 9.15
CA ARG B 98 22.97 -4.21 9.39
C ARG B 98 23.74 -3.89 8.16
N GLY B 99 24.44 -2.75 8.17
CA GLY B 99 25.23 -2.40 7.01
C GLY B 99 26.67 -2.89 7.01
N HIS B 100 27.60 -1.94 6.94
CA HIS B 100 29.04 -2.18 6.88
C HIS B 100 29.86 -2.09 8.20
N SER B 101 31.02 -2.75 8.19
CA SER B 101 32.03 -2.77 9.30
C SER B 101 33.31 -2.20 8.65
N TYR B 102 34.25 -1.63 9.42
CA TYR B 102 35.45 -1.01 8.79
C TYR B 102 35.94 -1.63 7.49
N TYR B 103 35.81 -0.82 6.44
CA TYR B 103 36.10 -1.17 5.05
C TYR B 103 35.72 -2.59 4.71
N PHE B 104 34.45 -2.72 4.34
CA PHE B 104 33.82 -3.97 3.98
C PHE B 104 32.28 -3.78 3.95
N TYR B 105 31.61 -4.55 3.11
CA TYR B 105 30.17 -4.47 2.98
C TYR B 105 29.74 -5.34 1.81
N ASP B 106 29.21 -6.53 2.11
CA ASP B 106 28.75 -7.43 1.06
C ASP B 106 27.22 -7.49 1.04
N GLY B 107 26.58 -6.38 1.39
CA GLY B 107 25.12 -6.34 1.41
C GLY B 107 24.49 -6.26 2.80
N ASP B 108 23.17 -6.12 2.84
CA ASP B 108 22.44 -5.99 4.11
C ASP B 108 21.62 -7.18 4.57
N TYR B 109 21.23 -7.05 5.84
CA TYR B 109 20.36 -7.97 6.52
C TYR B 109 19.37 -6.98 7.12
N TRP B 110 18.14 -7.06 6.62
CA TRP B 110 17.06 -6.18 7.00
C TRP B 110 16.21 -6.77 8.12
N GLY B 111 15.81 -5.97 9.10
CA GLY B 111 14.93 -6.55 10.11
C GLY B 111 13.56 -6.72 9.45
N GLN B 112 12.56 -7.28 10.13
CA GLN B 112 11.24 -7.45 9.51
C GLN B 112 10.35 -6.18 9.53
N GLY B 113 10.80 -5.07 10.10
CA GLY B 113 9.96 -3.88 10.13
C GLY B 113 9.06 -3.74 11.37
N THR B 114 8.76 -2.50 11.78
CA THR B 114 7.89 -2.22 12.93
C THR B 114 6.84 -1.21 12.47
N SER B 115 5.56 -1.56 12.61
CA SER B 115 4.54 -0.61 12.16
C SER B 115 4.20 0.43 13.23
N VAL B 116 4.25 1.76 12.92
CA VAL B 116 3.89 2.81 13.91
C VAL B 116 2.65 3.58 13.37
N THR B 117 1.56 3.68 14.16
CA THR B 117 0.38 4.43 13.72
C THR B 117 0.21 5.55 14.75
N VAL B 118 -0.01 6.77 14.32
CA VAL B 118 -0.15 7.88 15.25
C VAL B 118 -1.56 8.41 15.01
N SER B 119 -2.39 8.34 16.05
CA SER B 119 -3.77 8.81 15.90
C SER B 119 -4.38 9.03 17.25
N SER B 120 -5.37 9.93 17.31
CA SER B 120 -6.12 10.26 18.54
C SER B 120 -7.38 9.39 18.65
N ALA B 121 -7.65 8.58 17.61
CA ALA B 121 -8.89 7.80 17.63
C ALA B 121 -9.02 6.68 18.67
N SER B 122 -10.23 6.44 19.12
CA SER B 122 -10.52 5.35 20.06
C SER B 122 -11.02 4.10 19.32
N THR B 123 -10.78 2.94 19.90
CA THR B 123 -11.21 1.67 19.32
C THR B 123 -12.71 1.79 19.04
N LYS B 124 -13.16 1.25 17.91
CA LYS B 124 -14.56 1.29 17.52
C LYS B 124 -14.89 0.27 16.42
N GLY B 125 -15.91 -0.55 16.68
CA GLY B 125 -16.32 -1.55 15.71
C GLY B 125 -17.11 -0.83 14.64
N PRO B 126 -17.13 -1.35 13.43
CA PRO B 126 -17.80 -0.84 12.24
C PRO B 126 -19.30 -1.15 12.06
N SER B 127 -19.90 -0.39 11.16
CA SER B 127 -21.30 -0.61 10.73
C SER B 127 -21.12 -1.23 9.35
N VAL B 128 -21.92 -2.24 9.06
CA VAL B 128 -21.87 -2.91 7.76
C VAL B 128 -23.18 -2.65 7.06
N PHE B 129 -23.10 -2.02 5.88
CA PHE B 129 -24.24 -1.70 5.03
C PHE B 129 -24.17 -2.50 3.73
N PRO B 130 -25.34 -2.82 3.16
CA PRO B 130 -25.32 -3.59 1.93
C PRO B 130 -25.11 -2.73 0.69
N LEU B 131 -24.46 -3.30 -0.31
CA LEU B 131 -24.31 -2.66 -1.63
C LEU B 131 -25.22 -3.61 -2.48
N ALA B 132 -26.51 -3.28 -2.53
CA ALA B 132 -27.51 -4.13 -3.23
C ALA B 132 -27.51 -4.22 -4.74
N PRO B 133 -27.58 -5.45 -5.27
CA PRO B 133 -27.58 -5.66 -6.71
C PRO B 133 -28.66 -4.96 -7.51
N SER B 134 -28.26 -4.63 -8.73
CA SER B 134 -29.06 -3.98 -9.75
C SER B 134 -29.90 -2.79 -9.31
N SER B 135 -29.46 -1.59 -9.70
CA SER B 135 -30.16 -0.33 -9.37
C SER B 135 -31.67 -0.54 -9.51
N LYS B 136 -32.13 -0.50 -10.76
CA LYS B 136 -33.54 -0.71 -11.09
C LYS B 136 -33.65 -1.87 -12.11
N SER B 137 -32.82 -2.90 -11.91
CA SER B 137 -32.80 -4.08 -12.77
C SER B 137 -32.63 -5.36 -11.91
N THR B 138 -32.75 -6.52 -12.55
CA THR B 138 -32.61 -7.82 -11.91
C THR B 138 -32.02 -8.73 -13.01
N SER B 139 -32.39 -8.42 -14.25
CA SER B 139 -31.94 -9.17 -15.44
C SER B 139 -30.88 -8.38 -16.24
N GLY B 140 -29.61 -8.78 -16.05
CA GLY B 140 -28.51 -8.14 -16.74
C GLY B 140 -27.31 -9.08 -16.94
N GLY B 141 -27.56 -10.39 -16.85
CA GLY B 141 -26.51 -11.40 -17.02
C GLY B 141 -25.69 -11.71 -15.76
N THR B 142 -24.82 -10.77 -15.39
CA THR B 142 -24.02 -10.94 -14.19
C THR B 142 -24.30 -9.68 -13.38
N ALA B 143 -24.40 -9.86 -12.07
CA ALA B 143 -24.66 -8.74 -11.19
C ALA B 143 -23.56 -8.59 -10.11
N ALA B 144 -23.48 -7.40 -9.54
CA ALA B 144 -22.52 -7.10 -8.52
C ALA B 144 -23.23 -6.75 -7.24
N LEU B 145 -22.66 -7.15 -6.14
CA LEU B 145 -23.19 -6.83 -4.84
C LEU B 145 -21.99 -6.87 -3.89
N GLY B 146 -22.18 -6.41 -2.68
CA GLY B 146 -21.09 -6.39 -1.74
C GLY B 146 -21.55 -5.79 -0.43
N CYS B 147 -20.58 -5.34 0.39
CA CYS B 147 -20.80 -4.79 1.72
C CYS B 147 -19.89 -3.61 1.98
N LEU B 148 -20.40 -2.58 2.64
CA LEU B 148 -19.60 -1.41 2.96
C LEU B 148 -19.39 -1.52 4.44
N VAL B 149 -18.14 -1.64 4.83
CA VAL B 149 -17.71 -1.74 6.22
C VAL B 149 -17.23 -0.39 6.65
N LYS B 150 -18.09 0.32 7.34
CA LYS B 150 -17.72 1.68 7.66
C LYS B 150 -17.45 2.08 9.08
N ASP B 151 -16.57 3.08 9.20
CA ASP B 151 -16.24 3.67 10.49
C ASP B 151 -15.65 2.81 11.62
N TYR B 152 -14.48 2.18 11.40
CA TYR B 152 -13.85 1.41 12.46
C TYR B 152 -12.42 1.88 12.74
N PHE B 153 -11.90 1.44 13.91
CA PHE B 153 -10.56 1.77 14.34
C PHE B 153 -10.17 0.85 15.48
N PRO B 154 -8.92 0.32 15.47
CA PRO B 154 -7.89 0.51 14.41
C PRO B 154 -8.01 -0.61 13.38
N GLU B 155 -7.08 -0.63 12.43
CA GLU B 155 -7.08 -1.69 11.48
C GLU B 155 -6.71 -2.96 12.26
N PRO B 156 -7.00 -4.13 11.73
CA PRO B 156 -7.64 -4.37 10.42
C PRO B 156 -8.96 -5.06 10.67
N VAL B 157 -9.75 -5.25 9.62
CA VAL B 157 -11.03 -5.99 9.71
C VAL B 157 -10.79 -7.04 8.65
N THR B 158 -11.46 -8.19 8.77
CA THR B 158 -11.34 -9.26 7.77
C THR B 158 -12.77 -9.42 7.25
N VAL B 159 -12.93 -9.89 6.01
CA VAL B 159 -14.25 -10.05 5.40
C VAL B 159 -14.14 -11.31 4.59
N SER B 160 -15.14 -12.21 4.73
CA SER B 160 -15.26 -13.42 3.94
C SER B 160 -16.67 -13.42 3.37
N TRP B 161 -17.00 -14.29 2.43
CA TRP B 161 -18.34 -14.36 1.87
C TRP B 161 -18.93 -15.75 2.05
N ASN B 162 -20.11 -15.86 2.65
CA ASN B 162 -20.74 -17.17 2.89
C ASN B 162 -19.77 -18.08 3.63
N SER B 163 -19.30 -17.61 4.78
CA SER B 163 -18.37 -18.30 5.66
C SER B 163 -17.15 -18.94 5.00
N GLY B 164 -16.81 -18.47 3.80
CA GLY B 164 -15.61 -18.98 3.15
C GLY B 164 -15.83 -19.80 1.90
N ALA B 165 -17.07 -20.21 1.69
CA ALA B 165 -17.42 -21.01 0.53
C ALA B 165 -17.46 -20.23 -0.76
N LEU B 166 -17.53 -18.91 -0.66
CA LEU B 166 -17.62 -18.06 -1.85
C LEU B 166 -16.31 -17.27 -1.99
N THR B 167 -15.47 -17.68 -2.93
CA THR B 167 -14.17 -17.07 -3.13
C THR B 167 -13.98 -16.48 -4.51
N SER B 168 -14.44 -17.16 -5.55
CA SER B 168 -14.28 -16.61 -6.90
C SER B 168 -15.03 -15.27 -7.16
N GLY B 169 -14.33 -14.33 -7.79
CA GLY B 169 -14.90 -13.04 -8.09
C GLY B 169 -14.98 -12.09 -6.91
N VAL B 170 -14.38 -12.45 -5.77
CA VAL B 170 -14.40 -11.62 -4.58
C VAL B 170 -13.24 -10.62 -4.58
N HIS B 171 -13.54 -9.33 -4.46
CA HIS B 171 -12.51 -8.31 -4.34
C HIS B 171 -12.71 -7.47 -3.12
N THR B 172 -11.77 -7.55 -2.21
CA THR B 172 -11.87 -6.75 -1.02
C THR B 172 -10.81 -5.65 -1.17
N PHE B 173 -11.27 -4.41 -1.14
CA PHE B 173 -10.41 -3.24 -1.32
C PHE B 173 -9.61 -2.82 -0.09
N PRO B 174 -8.46 -2.19 -0.31
CA PRO B 174 -7.60 -1.68 0.79
C PRO B 174 -8.47 -0.71 1.58
N ALA B 175 -8.33 -0.67 2.89
CA ALA B 175 -9.05 0.29 3.72
C ALA B 175 -8.62 1.76 3.43
N VAL B 176 -9.54 2.72 3.58
CA VAL B 176 -9.18 4.12 3.39
C VAL B 176 -9.40 4.85 4.69
N LEU B 177 -8.51 5.80 4.99
CA LEU B 177 -8.62 6.59 6.21
C LEU B 177 -9.45 7.83 5.93
N GLN B 178 -10.58 7.97 6.62
CA GLN B 178 -11.46 9.11 6.36
C GLN B 178 -11.03 10.27 7.23
N SER B 179 -11.51 11.48 6.94
CA SER B 179 -11.11 12.64 7.75
C SER B 179 -11.43 12.45 9.22
N SER B 180 -12.55 11.80 9.50
CA SER B 180 -12.93 11.57 10.89
C SER B 180 -11.86 10.78 11.64
N GLY B 181 -10.85 10.24 10.95
CA GLY B 181 -9.85 9.45 11.68
C GLY B 181 -10.16 7.95 11.75
N LEU B 182 -11.34 7.59 11.21
CA LEU B 182 -11.81 6.20 11.13
C LEU B 182 -11.66 5.57 9.75
N TYR B 183 -11.55 4.25 9.73
CA TYR B 183 -11.40 3.58 8.49
C TYR B 183 -12.69 3.11 7.85
N SER B 184 -12.62 2.94 6.54
CA SER B 184 -13.77 2.40 5.81
C SER B 184 -13.23 1.44 4.77
N LEU B 185 -13.99 0.40 4.48
CA LEU B 185 -13.56 -0.56 3.49
C LEU B 185 -14.75 -1.18 2.76
N SER B 186 -14.57 -1.55 1.50
CA SER B 186 -15.60 -2.24 0.76
C SER B 186 -15.18 -3.62 0.27
N SER B 187 -16.13 -4.57 0.20
CA SER B 187 -15.84 -5.87 -0.37
C SER B 187 -16.97 -6.14 -1.40
N VAL B 188 -16.64 -6.54 -2.64
CA VAL B 188 -17.69 -6.81 -3.64
C VAL B 188 -17.48 -8.20 -4.23
N VAL B 189 -18.51 -8.70 -4.91
CA VAL B 189 -18.45 -10.00 -5.54
C VAL B 189 -19.49 -9.94 -6.61
N THR B 190 -19.17 -10.45 -7.77
CA THR B 190 -20.12 -10.47 -8.87
C THR B 190 -20.69 -11.91 -8.97
N VAL B 191 -22.00 -12.01 -9.17
CA VAL B 191 -22.62 -13.34 -9.27
C VAL B 191 -23.51 -13.41 -10.51
N PRO B 192 -23.77 -14.64 -10.96
CA PRO B 192 -24.64 -14.77 -12.14
C PRO B 192 -25.98 -14.18 -11.75
N SER B 193 -26.54 -13.28 -12.54
CA SER B 193 -27.83 -12.68 -12.22
C SER B 193 -28.91 -13.71 -11.90
N SER B 194 -28.60 -14.99 -12.09
CA SER B 194 -29.56 -16.07 -11.83
C SER B 194 -29.24 -16.85 -10.57
N SER B 195 -29.00 -16.10 -9.51
CA SER B 195 -28.70 -16.69 -8.21
C SER B 195 -29.43 -15.83 -7.22
N LEU B 196 -29.63 -14.59 -7.64
CA LEU B 196 -30.26 -13.54 -6.87
C LEU B 196 -31.64 -13.93 -6.35
N GLY B 197 -31.88 -15.22 -6.17
CA GLY B 197 -33.16 -15.72 -5.70
C GLY B 197 -33.04 -17.17 -5.31
N THR B 198 -32.01 -17.80 -5.83
CA THR B 198 -31.76 -19.21 -5.52
C THR B 198 -30.58 -19.25 -4.54
N GLN B 199 -30.06 -18.08 -4.19
CA GLN B 199 -28.91 -18.02 -3.32
C GLN B 199 -28.82 -16.92 -2.31
N THR B 200 -28.16 -17.25 -1.21
CA THR B 200 -27.92 -16.34 -0.13
C THR B 200 -26.50 -15.86 -0.28
N TYR B 201 -26.30 -14.59 0.01
CA TYR B 201 -25.00 -13.94 -0.06
C TYR B 201 -24.89 -13.12 1.22
N ILE B 202 -24.02 -13.56 2.11
CA ILE B 202 -23.79 -12.97 3.40
C ILE B 202 -22.31 -12.62 3.51
N CYS B 203 -21.95 -11.46 4.02
CA CYS B 203 -20.52 -11.16 4.07
C CYS B 203 -20.21 -11.22 5.53
N ASN B 204 -19.12 -11.92 5.86
CA ASN B 204 -18.73 -12.11 7.24
C ASN B 204 -17.65 -11.10 7.64
N VAL B 205 -18.01 -10.18 8.54
CA VAL B 205 -17.10 -9.14 8.95
C VAL B 205 -16.62 -9.36 10.38
N ASN B 206 -15.33 -9.18 10.59
CA ASN B 206 -14.75 -9.36 11.90
C ASN B 206 -13.76 -8.26 12.22
N HIS B 207 -13.88 -7.65 13.40
CA HIS B 207 -12.97 -6.60 13.85
C HIS B 207 -12.49 -6.99 15.27
N LYS B 208 -11.42 -7.77 15.33
CA LYS B 208 -10.88 -8.30 16.60
C LYS B 208 -10.64 -7.26 17.65
N PRO B 209 -9.98 -6.17 17.27
CA PRO B 209 -9.72 -5.14 18.28
C PRO B 209 -10.95 -4.72 19.12
N SER B 210 -12.14 -4.78 18.52
CA SER B 210 -13.31 -4.42 19.28
C SER B 210 -14.18 -5.66 19.57
N ASN B 211 -13.69 -6.88 19.25
CA ASN B 211 -14.40 -8.15 19.48
C ASN B 211 -15.77 -8.03 18.78
N THR B 212 -15.76 -7.39 17.61
CA THR B 212 -16.94 -7.19 16.76
C THR B 212 -17.01 -8.25 15.67
N LYS B 213 -18.19 -8.77 15.47
CA LYS B 213 -18.36 -9.78 14.48
C LYS B 213 -19.77 -9.59 13.92
N VAL B 214 -19.87 -9.41 12.61
CA VAL B 214 -21.18 -9.22 11.95
C VAL B 214 -21.32 -10.07 10.71
N ASP B 215 -22.51 -10.62 10.51
CA ASP B 215 -22.82 -11.37 9.27
C ASP B 215 -24.00 -10.56 8.63
N LYS B 216 -23.84 -10.16 7.38
CA LYS B 216 -24.83 -9.32 6.69
C LYS B 216 -25.35 -9.98 5.41
N LYS B 217 -26.68 -10.17 5.29
CA LYS B 217 -27.23 -10.76 4.06
C LYS B 217 -27.41 -9.55 3.11
N VAL B 218 -27.00 -9.70 1.87
CA VAL B 218 -27.12 -8.62 0.89
C VAL B 218 -28.04 -9.04 -0.27
N GLU B 219 -28.96 -8.19 -0.69
CA GLU B 219 -29.83 -8.64 -1.78
C GLU B 219 -30.64 -7.56 -2.49
N PRO B 220 -31.14 -7.88 -3.72
CA PRO B 220 -31.95 -7.05 -4.61
C PRO B 220 -32.98 -6.15 -3.95
N LYS B 221 -33.30 -5.08 -4.68
CA LYS B 221 -34.18 -4.00 -4.25
C LYS B 221 -33.29 -3.41 -3.20
CD CD C . -12.11 -10.16 -10.88
CD CD D . 32.66 13.59 1.44
CD CD E . 13.28 -18.06 -8.24
#